data_3WKG
#
_entry.id   3WKG
#
_cell.length_a   41.893
_cell.length_b   87.691
_cell.length_c   94.191
_cell.angle_alpha   90.00
_cell.angle_beta   90.00
_cell.angle_gamma   90.00
#
_symmetry.space_group_name_H-M   'P 21 21 21'
#
loop_
_entity.id
_entity.type
_entity.pdbx_description
1 polymer 'Cellobiose 2-epimerase'
2 branched beta-D-glucopyranose-(1-4)-beta-D-mannopyranose
3 non-polymer 'CHLORIDE ION'
4 non-polymer 'PHOSPHATE ION'
5 water water
#
_entity_poly.entity_id   1
_entity_poly.type   'polypeptide(L)'
_entity_poly.pdbx_seq_one_letter_code
;MSTETIPDVRRLRALQAEVHEELTENILKFWATRTHDPVHGGFVGRVGPDGRPHPEAPRGAILNARILWTFAAAYRQLGT
PLYREMAERAYRYFVRHFVDAEHGGVYWMVAADGRPLDTRKHVYAQSFAIYALSEWHRATGGEAALALARSIYDLIETHC
ADRVHGGYVEACDRAWRPLEDARLSAKDAPEPRSMNTHLHVLEAYANLYRVWPETELAARLQALIELFLRAIYHPATGHL
ILFFDERWRPRSRAVSFGHDIEASWLLLEAVDVLGQATLRPRVQQASLHLARATLAEGRAPDGSLYYEIGEQGHLDTDRH
WWPQAEALVGFLNAYQESGEVLFYEAAEDVWRYIRERQRDTRGGEWFARVRDDGAPYPDDKVDFWKGPYHNGRACLEAIQ
RLRHLLEHVRSR
;
_entity_poly.pdbx_strand_id   A
#
loop_
_chem_comp.id
_chem_comp.type
_chem_comp.name
_chem_comp.formula
BGC D-saccharide, beta linking beta-D-glucopyranose 'C6 H12 O6'
BMA D-saccharide, beta linking beta-D-mannopyranose 'C6 H12 O6'
CL non-polymer 'CHLORIDE ION' 'Cl -1'
PO4 non-polymer 'PHOSPHATE ION' 'O4 P -3'
#
# COMPACT_ATOMS: atom_id res chain seq x y z
N THR A 3 9.68 32.19 1.85
CA THR A 3 10.64 31.89 2.91
C THR A 3 10.39 30.49 3.46
N GLU A 4 11.44 29.67 3.49
CA GLU A 4 11.29 28.29 3.93
C GLU A 4 11.20 28.16 5.44
N THR A 5 10.17 27.47 5.92
CA THR A 5 10.08 27.10 7.32
C THR A 5 10.37 25.62 7.42
N ILE A 6 11.53 25.28 7.97
CA ILE A 6 12.00 23.90 7.98
C ILE A 6 12.56 23.54 9.36
N PRO A 7 12.22 22.34 9.86
CA PRO A 7 12.78 21.88 11.14
C PRO A 7 14.31 21.84 11.06
N ASP A 8 14.96 22.06 12.19
CA ASP A 8 16.41 22.11 12.18
C ASP A 8 17.02 20.74 11.88
N VAL A 9 18.30 20.75 11.58
CA VAL A 9 18.99 19.54 11.15
C VAL A 9 18.95 18.45 12.22
N ARG A 10 19.08 18.84 13.49
CA ARG A 10 19.04 17.85 14.56
C ARG A 10 17.72 17.11 14.56
N ARG A 11 16.64 17.86 14.40
CA ARG A 11 15.32 17.25 14.45
C ARG A 11 15.06 16.33 13.25
N LEU A 12 15.43 16.79 12.05
CA LEU A 12 15.25 15.96 10.86
C LEU A 12 16.06 14.69 10.97
N ARG A 13 17.32 14.81 11.39
CA ARG A 13 18.22 13.65 11.47
C ARG A 13 17.78 12.70 12.57
N ALA A 14 17.28 13.24 13.67
CA ALA A 14 16.83 12.39 14.79
C ALA A 14 15.63 11.55 14.37
N LEU A 15 14.67 12.19 13.69
CA LEU A 15 13.50 11.45 13.19
C LEU A 15 13.94 10.38 12.18
N GLN A 16 14.75 10.76 11.21
CA GLN A 16 15.25 9.81 10.21
C GLN A 16 15.93 8.62 10.88
N ALA A 17 16.74 8.87 11.90
CA ALA A 17 17.42 7.78 12.61
C ALA A 17 16.43 6.86 13.33
N GLU A 18 15.41 7.44 13.96
CA GLU A 18 14.42 6.61 14.65
C GLU A 18 13.65 5.75 13.64
N VAL A 19 13.31 6.35 12.49
CA VAL A 19 12.59 5.62 11.46
C VAL A 19 13.43 4.44 10.94
N HIS A 20 14.71 4.69 10.69
CA HIS A 20 15.60 3.64 10.21
C HIS A 20 15.74 2.52 11.25
N GLU A 21 15.91 2.88 12.52
CA GLU A 21 15.98 1.91 13.59
C GLU A 21 14.72 1.05 13.67
N GLU A 22 13.56 1.68 13.58
CA GLU A 22 12.29 0.96 13.66
C GLU A 22 12.19 -0.03 12.51
N LEU A 23 12.54 0.43 11.30
CA LEU A 23 12.47 -0.43 10.13
C LEU A 23 13.41 -1.63 10.24
N THR A 24 14.67 -1.40 10.55
CA THR A 24 15.65 -2.48 10.48
C THR A 24 15.66 -3.36 11.72
N GLU A 25 15.49 -2.75 12.89
CA GLU A 25 15.63 -3.50 14.14
C GLU A 25 14.30 -4.06 14.68
N ASN A 26 13.18 -3.55 14.19
CA ASN A 26 11.87 -4.10 14.58
C ASN A 26 11.14 -4.77 13.42
N ILE A 27 10.69 -3.97 12.45
CA ILE A 27 9.86 -4.50 11.35
C ILE A 27 10.54 -5.60 10.53
N LEU A 28 11.62 -5.27 9.85
CA LEU A 28 12.23 -6.25 8.95
C LEU A 28 12.85 -7.41 9.73
N LYS A 29 13.30 -7.16 10.95
CA LYS A 29 13.82 -8.24 11.79
C LYS A 29 12.74 -9.26 12.10
N PHE A 30 11.56 -8.77 12.47
CA PHE A 30 10.44 -9.65 12.76
C PHE A 30 10.11 -10.50 11.53
N TRP A 31 9.98 -9.86 10.37
CA TRP A 31 9.57 -10.61 9.18
C TRP A 31 10.62 -11.63 8.75
N ALA A 32 11.89 -11.25 8.84
CA ALA A 32 12.96 -12.16 8.42
C ALA A 32 13.16 -13.36 9.36
N THR A 33 12.79 -13.21 10.63
CA THR A 33 13.06 -14.27 11.61
C THR A 33 11.83 -15.11 11.94
N ARG A 34 10.66 -14.48 12.01
CA ARG A 34 9.48 -15.16 12.52
C ARG A 34 8.64 -15.80 11.42
N THR A 35 8.76 -15.31 10.19
CA THR A 35 7.79 -15.72 9.17
C THR A 35 8.24 -16.71 8.09
N HIS A 36 9.54 -16.86 7.83
CA HIS A 36 10.01 -17.87 6.88
C HIS A 36 9.48 -19.26 7.25
N ASP A 37 9.06 -20.06 6.26
CA ASP A 37 8.65 -21.43 6.56
C ASP A 37 9.57 -22.45 5.91
N PRO A 38 10.34 -23.20 6.72
CA PRO A 38 11.21 -24.22 6.12
C PRO A 38 10.50 -25.57 5.84
N VAL A 39 9.21 -25.67 6.11
CA VAL A 39 8.45 -26.89 5.74
C VAL A 39 7.96 -26.81 4.30
N HIS A 40 7.17 -25.78 3.98
CA HIS A 40 6.66 -25.63 2.62
C HIS A 40 7.42 -24.62 1.78
N GLY A 41 8.47 -24.05 2.33
CA GLY A 41 9.15 -22.96 1.66
C GLY A 41 8.35 -21.67 1.86
N GLY A 42 8.87 -20.57 1.34
CA GLY A 42 8.12 -19.32 1.43
C GLY A 42 7.94 -18.83 2.85
N PHE A 43 6.75 -18.27 3.10
CA PHE A 43 6.43 -17.59 4.35
C PHE A 43 5.08 -18.06 4.89
N VAL A 44 4.95 -18.10 6.21
CA VAL A 44 3.68 -18.49 6.79
C VAL A 44 2.57 -17.51 6.44
N GLY A 45 1.34 -18.02 6.39
CA GLY A 45 0.18 -17.20 6.06
C GLY A 45 -0.43 -16.45 7.23
N ARG A 46 -0.03 -16.82 8.45
CA ARG A 46 -0.59 -16.22 9.65
C ARG A 46 0.37 -16.37 10.81
N VAL A 47 0.45 -15.32 11.63
CA VAL A 47 1.09 -15.37 12.93
C VAL A 47 0.08 -14.86 13.95
N GLY A 48 -0.15 -15.63 15.01
CA GLY A 48 -1.17 -15.24 15.98
C GLY A 48 -0.77 -14.11 16.90
N PRO A 49 -1.69 -13.69 17.78
CA PRO A 49 -1.43 -12.59 18.70
C PRO A 49 -0.29 -12.87 19.67
N ASP A 50 -0.09 -14.14 19.99
CA ASP A 50 0.98 -14.57 20.90
C ASP A 50 2.31 -14.73 20.17
N GLY A 51 2.28 -14.56 18.85
CA GLY A 51 3.49 -14.62 18.07
C GLY A 51 3.77 -15.97 17.44
N ARG A 52 2.84 -16.91 17.59
CA ARG A 52 3.04 -18.25 17.04
C ARG A 52 2.78 -18.27 15.53
N PRO A 53 3.79 -18.69 14.74
CA PRO A 53 3.56 -18.82 13.30
C PRO A 53 2.69 -20.04 12.98
N HIS A 54 1.98 -19.98 11.85
CA HIS A 54 1.12 -21.09 11.45
C HIS A 54 1.48 -21.54 10.07
N PRO A 55 2.47 -22.45 9.96
CA PRO A 55 2.96 -22.86 8.63
C PRO A 55 1.95 -23.65 7.81
N GLU A 56 0.86 -24.13 8.41
CA GLU A 56 -0.13 -24.89 7.65
C GLU A 56 -1.36 -24.05 7.25
N ALA A 57 -1.41 -22.79 7.68
CA ALA A 57 -2.52 -21.90 7.34
C ALA A 57 -2.52 -21.51 5.87
N PRO A 58 -3.71 -21.25 5.31
CA PRO A 58 -3.80 -20.82 3.92
C PRO A 58 -3.01 -19.53 3.69
N ARG A 59 -2.45 -19.40 2.50
CA ARG A 59 -1.57 -18.28 2.17
C ARG A 59 -2.12 -17.41 1.07
N GLY A 60 -2.19 -16.11 1.32
CA GLY A 60 -2.78 -15.19 0.36
C GLY A 60 -1.79 -14.56 -0.61
N ALA A 61 -2.23 -14.32 -1.83
CA ALA A 61 -1.36 -13.72 -2.84
C ALA A 61 -0.95 -12.29 -2.48
N ILE A 62 -1.89 -11.52 -1.95
CA ILE A 62 -1.61 -10.15 -1.55
C ILE A 62 -0.50 -10.10 -0.49
N LEU A 63 -0.63 -10.93 0.55
CA LEU A 63 0.38 -11.00 1.58
C LEU A 63 1.76 -11.35 0.99
N ASN A 64 1.79 -12.37 0.14
CA ASN A 64 3.06 -12.81 -0.40
C ASN A 64 3.70 -11.79 -1.36
N ALA A 65 2.87 -11.13 -2.16
CA ALA A 65 3.36 -10.04 -3.00
C ALA A 65 3.90 -8.90 -2.14
N ARG A 66 3.21 -8.62 -1.02
CA ARG A 66 3.67 -7.58 -0.11
C ARG A 66 5.03 -7.92 0.51
N ILE A 67 5.25 -9.19 0.86
CA ILE A 67 6.54 -9.61 1.38
C ILE A 67 7.64 -9.42 0.33
N LEU A 68 7.35 -9.87 -0.90
CA LEU A 68 8.29 -9.69 -2.01
C LEU A 68 8.61 -8.22 -2.24
N TRP A 69 7.57 -7.37 -2.32
CA TRP A 69 7.78 -5.96 -2.56
C TRP A 69 8.67 -5.34 -1.48
N THR A 70 8.36 -5.62 -0.23
CA THR A 70 9.01 -4.95 0.90
C THR A 70 10.48 -5.31 0.97
N PHE A 71 10.80 -6.60 0.89
CA PHE A 71 12.20 -6.98 0.93
C PHE A 71 12.97 -6.54 -0.32
N ALA A 72 12.31 -6.54 -1.47
CA ALA A 72 12.94 -6.02 -2.69
C ALA A 72 13.28 -4.54 -2.54
N ALA A 73 12.31 -3.76 -2.07
CA ALA A 73 12.48 -2.33 -1.92
C ALA A 73 13.54 -2.02 -0.85
N ALA A 74 13.52 -2.78 0.24
CA ALA A 74 14.52 -2.57 1.28
C ALA A 74 15.91 -2.94 0.80
N TYR A 75 16.01 -4.00 0.01
CA TYR A 75 17.31 -4.37 -0.53
C TYR A 75 17.83 -3.27 -1.45
N ARG A 76 16.95 -2.80 -2.33
CA ARG A 76 17.31 -1.76 -3.29
C ARG A 76 17.83 -0.50 -2.60
N GLN A 77 17.19 -0.10 -1.51
CA GLN A 77 17.52 1.16 -0.87
C GLN A 77 18.61 1.06 0.19
N LEU A 78 18.69 -0.09 0.85
CA LEU A 78 19.61 -0.26 1.99
C LEU A 78 20.76 -1.24 1.74
N GLY A 79 20.60 -2.13 0.77
CA GLY A 79 21.70 -3.01 0.37
C GLY A 79 21.97 -4.26 1.20
N THR A 80 21.32 -4.37 2.36
CA THR A 80 21.56 -5.50 3.26
C THR A 80 21.27 -6.84 2.57
N PRO A 81 22.28 -7.73 2.49
CA PRO A 81 22.09 -8.98 1.75
C PRO A 81 20.93 -9.83 2.24
N LEU A 82 20.65 -9.84 3.55
CA LEU A 82 19.52 -10.59 4.10
C LEU A 82 18.22 -10.21 3.39
N TYR A 83 18.06 -8.95 3.01
CA TYR A 83 16.81 -8.53 2.39
C TYR A 83 16.66 -9.10 0.98
N ARG A 84 17.76 -9.20 0.24
CA ARG A 84 17.73 -9.85 -1.06
C ARG A 84 17.40 -11.33 -0.91
N GLU A 85 17.97 -11.96 0.12
CA GLU A 85 17.71 -13.37 0.38
C GLU A 85 16.23 -13.61 0.66
N MET A 86 15.63 -12.72 1.45
CA MET A 86 14.21 -12.86 1.80
C MET A 86 13.31 -12.57 0.60
N ALA A 87 13.68 -11.57 -0.20
CA ALA A 87 12.94 -11.29 -1.42
C ALA A 87 13.00 -12.47 -2.38
N GLU A 88 14.19 -13.03 -2.57
CA GLU A 88 14.35 -14.22 -3.42
C GLU A 88 13.45 -15.37 -2.95
N ARG A 89 13.44 -15.59 -1.64
CA ARG A 89 12.60 -16.64 -1.05
C ARG A 89 11.13 -16.40 -1.40
N ALA A 90 10.68 -15.15 -1.25
CA ALA A 90 9.30 -14.82 -1.56
C ALA A 90 9.00 -15.00 -3.05
N TYR A 91 9.95 -14.56 -3.88
CA TYR A 91 9.78 -14.63 -5.33
C TYR A 91 9.66 -16.07 -5.82
N ARG A 92 10.51 -16.97 -5.31
CA ARG A 92 10.47 -18.34 -5.81
C ARG A 92 9.16 -19.05 -5.49
N TYR A 93 8.68 -18.88 -4.26
CA TYR A 93 7.39 -19.45 -3.88
C TYR A 93 6.27 -18.82 -4.71
N PHE A 94 6.34 -17.50 -4.90
CA PHE A 94 5.30 -16.78 -5.64
C PHE A 94 5.12 -17.33 -7.06
N VAL A 95 6.23 -17.52 -7.77
CA VAL A 95 6.18 -17.97 -9.16
C VAL A 95 5.79 -19.44 -9.23
N ARG A 96 6.27 -20.23 -8.27
CA ARG A 96 5.91 -21.65 -8.23
C ARG A 96 4.41 -21.88 -8.03
N HIS A 97 3.81 -21.14 -7.11
CA HIS A 97 2.47 -21.51 -6.63
C HIS A 97 1.36 -20.50 -6.88
N PHE A 98 1.66 -19.21 -6.74
CA PHE A 98 0.63 -18.20 -6.95
C PHE A 98 0.38 -17.90 -8.43
N VAL A 99 1.44 -17.96 -9.24
CA VAL A 99 1.28 -17.73 -10.67
C VAL A 99 0.60 -18.90 -11.37
N ASP A 100 -0.50 -18.60 -12.05
CA ASP A 100 -1.22 -19.56 -12.85
C ASP A 100 -0.52 -19.68 -14.18
N ALA A 101 0.19 -20.80 -14.39
CA ALA A 101 0.97 -20.97 -15.61
C ALA A 101 0.10 -21.17 -16.87
N GLU A 102 -1.15 -21.58 -16.66
CA GLU A 102 -2.06 -21.82 -17.79
C GLU A 102 -2.84 -20.58 -18.20
N HIS A 103 -3.62 -20.04 -17.26
CA HIS A 103 -4.49 -18.91 -17.59
C HIS A 103 -3.88 -17.56 -17.29
N GLY A 104 -2.75 -17.56 -16.58
CA GLY A 104 -2.06 -16.32 -16.27
C GLY A 104 -2.60 -15.62 -15.03
N GLY A 105 -1.85 -14.64 -14.55
CA GLY A 105 -2.25 -13.95 -13.34
C GLY A 105 -1.98 -14.78 -12.10
N VAL A 106 -2.41 -14.27 -10.95
CA VAL A 106 -2.18 -14.98 -9.69
C VAL A 106 -3.45 -15.42 -8.97
N TYR A 107 -3.43 -16.63 -8.39
CA TYR A 107 -4.53 -17.11 -7.57
C TYR A 107 -4.69 -16.29 -6.29
N TRP A 108 -5.90 -16.25 -5.76
CA TRP A 108 -6.22 -15.49 -4.55
C TRP A 108 -5.59 -16.11 -3.29
N MET A 109 -5.68 -17.43 -3.19
CA MET A 109 -5.21 -18.15 -2.02
C MET A 109 -4.71 -19.52 -2.43
N VAL A 110 -3.60 -19.93 -1.84
CA VAL A 110 -3.13 -21.29 -1.98
C VAL A 110 -3.01 -21.95 -0.61
N ALA A 111 -3.06 -23.27 -0.60
CA ALA A 111 -2.80 -24.00 0.63
C ALA A 111 -1.32 -23.82 0.95
N ALA A 112 -0.93 -24.12 2.19
CA ALA A 112 0.46 -23.94 2.59
C ALA A 112 1.43 -24.66 1.66
N ASP A 113 1.05 -25.87 1.21
CA ASP A 113 1.91 -26.61 0.29
C ASP A 113 1.91 -26.10 -1.15
N GLY A 114 1.11 -25.07 -1.42
CA GLY A 114 1.13 -24.47 -2.74
C GLY A 114 -0.05 -24.79 -3.63
N ARG A 115 -0.84 -25.80 -3.27
CA ARG A 115 -2.01 -26.18 -4.05
C ARG A 115 -3.03 -25.04 -4.08
N PRO A 116 -3.58 -24.74 -5.27
CA PRO A 116 -4.59 -23.67 -5.36
C PRO A 116 -5.82 -23.96 -4.49
N LEU A 117 -6.22 -22.97 -3.69
CA LEU A 117 -7.36 -23.10 -2.78
C LEU A 117 -8.52 -22.21 -3.21
N ASP A 118 -8.19 -20.98 -3.58
CA ASP A 118 -9.19 -20.07 -4.12
C ASP A 118 -8.56 -19.51 -5.39
N THR A 119 -9.12 -19.89 -6.53
CA THR A 119 -8.50 -19.61 -7.82
C THR A 119 -9.05 -18.37 -8.52
N ARG A 120 -9.85 -17.57 -7.81
CA ARG A 120 -10.33 -16.33 -8.39
C ARG A 120 -9.15 -15.43 -8.75
N LYS A 121 -9.33 -14.63 -9.81
CA LYS A 121 -8.35 -13.66 -10.25
C LYS A 121 -8.88 -12.28 -9.89
N HIS A 122 -8.54 -11.81 -8.70
CA HIS A 122 -9.00 -10.50 -8.26
C HIS A 122 -8.00 -9.43 -8.68
N VAL A 123 -8.50 -8.33 -9.23
CA VAL A 123 -7.66 -7.27 -9.75
C VAL A 123 -6.77 -6.62 -8.67
N TYR A 124 -7.26 -6.61 -7.43
CA TYR A 124 -6.47 -6.11 -6.30
C TYR A 124 -5.24 -6.99 -6.15
N ALA A 125 -5.42 -8.30 -6.22
CA ALA A 125 -4.29 -9.21 -6.11
C ALA A 125 -3.36 -9.14 -7.35
N GLN A 126 -3.95 -9.01 -8.54
CA GLN A 126 -3.15 -8.86 -9.76
C GLN A 126 -2.28 -7.62 -9.69
N SER A 127 -2.84 -6.56 -9.13
CA SER A 127 -2.12 -5.29 -8.98
C SER A 127 -0.92 -5.46 -8.06
N PHE A 128 -1.13 -6.10 -6.91
CA PHE A 128 0.00 -6.32 -6.00
C PHE A 128 1.10 -7.18 -6.63
N ALA A 129 0.71 -8.14 -7.46
CA ALA A 129 1.68 -8.94 -8.19
C ALA A 129 2.53 -8.06 -9.10
N ILE A 130 1.87 -7.22 -9.90
CA ILE A 130 2.59 -6.27 -10.74
C ILE A 130 3.52 -5.37 -9.92
N TYR A 131 3.01 -4.83 -8.82
CA TYR A 131 3.79 -3.92 -7.98
C TYR A 131 5.04 -4.60 -7.45
N ALA A 132 4.86 -5.81 -6.93
CA ALA A 132 5.97 -6.58 -6.35
C ALA A 132 6.97 -7.05 -7.40
N LEU A 133 6.48 -7.59 -8.51
CA LEU A 133 7.36 -8.08 -9.56
C LEU A 133 8.17 -6.96 -10.19
N SER A 134 7.54 -5.80 -10.38
CA SER A 134 8.28 -4.67 -10.93
C SER A 134 9.37 -4.18 -9.98
N GLU A 135 9.09 -4.19 -8.69
CA GLU A 135 10.08 -3.79 -7.70
C GLU A 135 11.25 -4.79 -7.65
N TRP A 136 10.93 -6.07 -7.76
CA TRP A 136 11.98 -7.10 -7.77
C TRP A 136 12.87 -6.91 -9.00
N HIS A 137 12.27 -6.59 -10.14
CA HIS A 137 13.06 -6.25 -11.33
C HIS A 137 13.93 -5.02 -11.10
N ARG A 138 13.38 -3.98 -10.49
CA ARG A 138 14.15 -2.78 -10.22
C ARG A 138 15.32 -3.07 -9.29
N ALA A 139 15.14 -4.03 -8.39
CA ALA A 139 16.19 -4.36 -7.42
C ALA A 139 17.28 -5.30 -7.97
N THR A 140 16.92 -6.17 -8.91
CA THR A 140 17.84 -7.24 -9.35
C THR A 140 18.01 -7.39 -10.87
N GLY A 141 17.14 -6.77 -11.65
CA GLY A 141 17.24 -6.81 -13.10
C GLY A 141 16.70 -8.09 -13.70
N GLY A 142 15.98 -8.88 -12.89
CA GLY A 142 15.40 -10.13 -13.34
C GLY A 142 14.43 -9.98 -14.50
N GLU A 143 14.68 -10.74 -15.57
CA GLU A 143 13.86 -10.60 -16.78
C GLU A 143 12.53 -11.36 -16.69
N ALA A 144 12.55 -12.52 -16.05
CA ALA A 144 11.33 -13.29 -15.89
C ALA A 144 10.28 -12.49 -15.11
N ALA A 145 10.75 -11.79 -14.08
CA ALA A 145 9.87 -11.01 -13.22
C ALA A 145 9.17 -9.90 -13.99
N LEU A 146 9.93 -9.18 -14.81
CA LEU A 146 9.35 -8.13 -15.62
C LEU A 146 8.41 -8.68 -16.69
N ALA A 147 8.78 -9.77 -17.33
CA ALA A 147 7.90 -10.38 -18.34
C ALA A 147 6.58 -10.81 -17.71
N LEU A 148 6.67 -11.34 -16.50
CA LEU A 148 5.48 -11.78 -15.77
C LEU A 148 4.58 -10.59 -15.41
N ALA A 149 5.19 -9.51 -14.95
CA ALA A 149 4.43 -8.30 -14.62
C ALA A 149 3.67 -7.78 -15.85
N ARG A 150 4.35 -7.79 -17.00
CA ARG A 150 3.72 -7.40 -18.26
C ARG A 150 2.54 -8.29 -18.63
N SER A 151 2.71 -9.61 -18.50
CA SER A 151 1.63 -10.54 -18.81
C SER A 151 0.37 -10.26 -18.00
N ILE A 152 0.55 -9.91 -16.72
CA ILE A 152 -0.58 -9.68 -15.84
C ILE A 152 -1.28 -8.36 -16.20
N TYR A 153 -0.48 -7.33 -16.49
CA TYR A 153 -1.01 -6.08 -17.03
C TYR A 153 -1.90 -6.34 -18.26
N ASP A 154 -1.41 -7.14 -19.20
CA ASP A 154 -2.20 -7.50 -20.38
C ASP A 154 -3.53 -8.18 -20.08
N LEU A 155 -3.54 -9.08 -19.11
CA LEU A 155 -4.76 -9.79 -18.75
C LEU A 155 -5.79 -8.86 -18.12
N ILE A 156 -5.32 -7.94 -17.27
CA ILE A 156 -6.23 -6.97 -16.68
C ILE A 156 -6.90 -6.13 -17.77
N GLU A 157 -6.12 -5.64 -18.71
CA GLU A 157 -6.66 -4.81 -19.76
C GLU A 157 -7.63 -5.58 -20.65
N THR A 158 -7.31 -6.85 -20.91
CA THR A 158 -8.12 -7.67 -21.81
C THR A 158 -9.45 -8.08 -21.19
N HIS A 159 -9.39 -8.57 -19.96
CA HIS A 159 -10.57 -9.16 -19.36
C HIS A 159 -11.34 -8.25 -18.41
N CYS A 160 -10.73 -7.15 -17.99
CA CYS A 160 -11.31 -6.34 -16.92
C CYS A 160 -11.64 -4.89 -17.27
N ALA A 161 -10.89 -4.29 -18.19
CA ALA A 161 -11.12 -2.89 -18.51
C ALA A 161 -12.55 -2.63 -18.98
N ASP A 162 -13.17 -1.60 -18.43
CA ASP A 162 -14.48 -1.15 -18.89
C ASP A 162 -14.22 0.02 -19.81
N ARG A 163 -14.36 -0.21 -21.11
CA ARG A 163 -14.02 0.82 -22.07
C ARG A 163 -15.19 1.76 -22.39
N VAL A 164 -16.35 1.51 -21.78
CA VAL A 164 -17.48 2.43 -21.90
C VAL A 164 -17.41 3.52 -20.83
N HIS A 165 -16.98 3.12 -19.63
CA HIS A 165 -17.12 3.95 -18.43
C HIS A 165 -15.80 4.42 -17.79
N GLY A 166 -14.71 3.74 -18.12
CA GLY A 166 -13.42 4.00 -17.48
C GLY A 166 -13.24 3.06 -16.30
N GLY A 167 -11.99 2.78 -15.96
CA GLY A 167 -11.73 1.87 -14.86
C GLY A 167 -11.93 0.39 -15.20
N TYR A 168 -12.16 -0.41 -14.18
CA TYR A 168 -12.02 -1.87 -14.29
C TYR A 168 -13.07 -2.66 -13.53
N VAL A 169 -13.54 -3.75 -14.16
CA VAL A 169 -14.21 -4.82 -13.42
C VAL A 169 -13.14 -5.40 -12.51
N GLU A 170 -13.50 -5.73 -11.28
CA GLU A 170 -12.50 -5.96 -10.25
C GLU A 170 -12.21 -7.42 -9.90
N ALA A 171 -12.97 -8.35 -10.45
CA ALA A 171 -12.73 -9.77 -10.13
C ALA A 171 -13.24 -10.68 -11.24
N CYS A 172 -12.43 -11.70 -11.54
CA CYS A 172 -12.80 -12.78 -12.46
C CYS A 172 -12.54 -14.12 -11.83
N ASP A 173 -13.06 -15.20 -12.43
CA ASP A 173 -12.67 -16.54 -12.00
C ASP A 173 -11.30 -16.93 -12.60
N ARG A 174 -10.86 -18.17 -12.36
CA ARG A 174 -9.52 -18.59 -12.80
C ARG A 174 -9.28 -18.37 -14.29
N ALA A 175 -10.30 -18.61 -15.10
CA ALA A 175 -10.19 -18.49 -16.55
C ALA A 175 -10.59 -17.10 -17.04
N TRP A 176 -10.64 -16.15 -16.13
CA TRP A 176 -10.89 -14.74 -16.44
C TRP A 176 -12.31 -14.42 -16.90
N ARG A 177 -13.27 -15.24 -16.49
CA ARG A 177 -14.68 -14.91 -16.65
C ARG A 177 -15.09 -14.05 -15.45
N PRO A 178 -15.74 -12.92 -15.70
CA PRO A 178 -16.06 -11.98 -14.60
C PRO A 178 -16.89 -12.59 -13.48
N LEU A 179 -16.63 -12.18 -12.24
CA LEU A 179 -17.45 -12.59 -11.11
C LEU A 179 -18.57 -11.58 -10.86
N GLU A 180 -19.69 -12.04 -10.32
CA GLU A 180 -20.71 -11.12 -9.85
C GLU A 180 -20.27 -10.51 -8.51
N ASP A 181 -19.61 -11.32 -7.69
CA ASP A 181 -19.17 -10.87 -6.37
C ASP A 181 -17.68 -10.53 -6.36
N ALA A 182 -17.38 -9.24 -6.44
CA ALA A 182 -16.00 -8.77 -6.45
C ALA A 182 -15.53 -8.24 -5.10
N ARG A 183 -16.28 -8.55 -4.04
CA ARG A 183 -15.88 -8.09 -2.72
C ARG A 183 -14.53 -8.70 -2.31
N LEU A 184 -13.67 -7.86 -1.74
CA LEU A 184 -12.43 -8.34 -1.17
C LEU A 184 -12.68 -9.14 0.12
N SER A 185 -13.73 -8.75 0.84
CA SER A 185 -14.06 -9.35 2.15
C SER A 185 -15.51 -9.06 2.51
N ALA A 186 -15.97 -9.63 3.62
CA ALA A 186 -17.35 -9.42 4.06
C ALA A 186 -17.62 -7.96 4.46
N LYS A 187 -16.55 -7.23 4.75
CA LYS A 187 -16.64 -5.82 5.14
C LYS A 187 -17.09 -4.93 3.98
N ASP A 188 -16.78 -5.33 2.75
CA ASP A 188 -16.93 -4.45 1.60
C ASP A 188 -18.32 -4.44 1.00
N ALA A 189 -18.75 -3.27 0.53
CA ALA A 189 -20.07 -3.13 -0.08
C ALA A 189 -20.13 -3.94 -1.37
N PRO A 190 -21.26 -4.62 -1.61
CA PRO A 190 -21.37 -5.47 -2.81
C PRO A 190 -21.65 -4.65 -4.06
N GLU A 191 -20.73 -3.75 -4.40
CA GLU A 191 -20.86 -2.86 -5.54
C GLU A 191 -19.81 -3.17 -6.61
N PRO A 192 -20.06 -2.79 -7.88
CA PRO A 192 -19.15 -3.23 -8.93
C PRO A 192 -17.83 -2.46 -9.03
N ARG A 193 -17.75 -1.27 -8.43
CA ARG A 193 -16.52 -0.49 -8.50
C ARG A 193 -16.11 0.04 -7.14
N SER A 194 -14.81 -0.02 -6.85
CA SER A 194 -14.30 0.48 -5.58
C SER A 194 -13.07 1.36 -5.77
N MET A 195 -12.98 2.40 -4.96
CA MET A 195 -11.78 3.21 -4.89
C MET A 195 -10.59 2.33 -4.50
N ASN A 196 -10.82 1.43 -3.55
CA ASN A 196 -9.73 0.63 -2.97
C ASN A 196 -8.95 -0.17 -4.03
N THR A 197 -9.68 -0.94 -4.83
CA THR A 197 -9.03 -1.68 -5.90
C THR A 197 -8.40 -0.77 -6.94
N HIS A 198 -9.09 0.31 -7.32
CA HIS A 198 -8.55 1.20 -8.33
C HIS A 198 -7.29 1.95 -7.87
N LEU A 199 -7.20 2.26 -6.57
CA LEU A 199 -5.99 2.88 -6.05
C LEU A 199 -4.78 1.96 -6.19
N HIS A 200 -4.98 0.67 -5.95
CA HIS A 200 -3.87 -0.27 -6.11
C HIS A 200 -3.51 -0.61 -7.55
N VAL A 201 -4.48 -0.51 -8.46
CA VAL A 201 -4.16 -0.58 -9.89
C VAL A 201 -3.24 0.58 -10.24
N LEU A 202 -3.62 1.78 -9.82
CA LEU A 202 -2.80 2.97 -10.07
C LEU A 202 -1.38 2.80 -9.53
N GLU A 203 -1.29 2.35 -8.29
CA GLU A 203 -0.02 2.08 -7.62
C GLU A 203 0.85 1.11 -8.41
N ALA A 204 0.23 0.02 -8.85
CA ALA A 204 0.96 -1.01 -9.58
C ALA A 204 1.44 -0.49 -10.93
N TYR A 205 0.54 0.18 -11.63
CA TYR A 205 0.86 0.67 -12.98
C TYR A 205 1.97 1.72 -12.96
N ALA A 206 1.98 2.56 -11.94
CA ALA A 206 3.07 3.51 -11.75
C ALA A 206 4.41 2.81 -11.58
N ASN A 207 4.48 1.79 -10.73
CA ASN A 207 5.75 1.08 -10.56
C ASN A 207 6.18 0.32 -11.82
N LEU A 208 5.21 -0.24 -12.54
CA LEU A 208 5.49 -0.92 -13.80
C LEU A 208 6.05 0.08 -14.80
N TYR A 209 5.43 1.26 -14.86
CA TYR A 209 5.86 2.26 -15.85
C TYR A 209 7.30 2.70 -15.61
N ARG A 210 7.73 2.69 -14.35
CA ARG A 210 9.11 3.00 -14.00
C ARG A 210 10.13 2.11 -14.72
N VAL A 211 9.80 0.84 -14.87
CA VAL A 211 10.75 -0.12 -15.40
C VAL A 211 10.40 -0.54 -16.82
N TRP A 212 9.24 -0.08 -17.29
CA TRP A 212 8.74 -0.43 -18.60
C TRP A 212 7.84 0.69 -19.11
N PRO A 213 8.46 1.75 -19.65
CA PRO A 213 7.70 2.96 -20.04
C PRO A 213 6.96 2.81 -21.36
N GLU A 214 6.04 1.86 -21.43
CA GLU A 214 5.30 1.58 -22.65
C GLU A 214 4.25 2.66 -22.93
N THR A 215 4.08 3.04 -24.20
CA THR A 215 3.17 4.12 -24.56
C THR A 215 1.73 3.88 -24.14
N GLU A 216 1.21 2.68 -24.37
CA GLU A 216 -0.17 2.40 -23.99
C GLU A 216 -0.33 2.39 -22.46
N LEU A 217 0.68 1.91 -21.74
CA LEU A 217 0.63 1.92 -20.28
C LEU A 217 0.53 3.35 -19.75
N ALA A 218 1.28 4.27 -20.33
CA ALA A 218 1.19 5.67 -19.95
C ALA A 218 -0.23 6.18 -20.13
N ALA A 219 -0.89 5.78 -21.22
CA ALA A 219 -2.26 6.20 -21.45
C ALA A 219 -3.23 5.64 -20.41
N ARG A 220 -3.04 4.37 -20.04
CA ARG A 220 -3.91 3.74 -19.04
C ARG A 220 -3.66 4.36 -17.66
N LEU A 221 -2.41 4.67 -17.36
CA LEU A 221 -2.07 5.28 -16.08
C LEU A 221 -2.67 6.69 -15.99
N GLN A 222 -2.53 7.45 -17.07
CA GLN A 222 -3.14 8.78 -17.15
C GLN A 222 -4.65 8.70 -16.99
N ALA A 223 -5.30 7.73 -17.63
CA ALA A 223 -6.75 7.59 -17.53
C ALA A 223 -7.14 7.32 -16.08
N LEU A 224 -6.32 6.54 -15.38
CA LEU A 224 -6.58 6.24 -13.96
C LEU A 224 -6.47 7.50 -13.09
N ILE A 225 -5.42 8.29 -13.30
CA ILE A 225 -5.29 9.56 -12.59
C ILE A 225 -6.50 10.45 -12.87
N GLU A 226 -6.90 10.55 -14.13
CA GLU A 226 -8.05 11.37 -14.51
C GLU A 226 -9.35 10.87 -13.87
N LEU A 227 -9.49 9.55 -13.76
CA LEU A 227 -10.67 8.96 -13.15
C LEU A 227 -10.75 9.36 -11.69
N PHE A 228 -9.61 9.31 -11.01
CA PHE A 228 -9.56 9.73 -9.62
C PHE A 228 -10.00 11.20 -9.47
N LEU A 229 -9.48 12.08 -10.33
CA LEU A 229 -9.80 13.50 -10.25
C LEU A 229 -11.26 13.80 -10.56
N ARG A 230 -11.84 13.04 -11.50
CA ARG A 230 -13.20 13.29 -11.97
C ARG A 230 -14.30 12.61 -11.14
N ALA A 231 -14.06 11.39 -10.71
CA ALA A 231 -15.12 10.56 -10.15
C ALA A 231 -14.94 10.14 -8.70
N ILE A 232 -13.69 10.04 -8.26
CA ILE A 232 -13.45 9.43 -6.95
C ILE A 232 -13.17 10.47 -5.85
N TYR A 233 -12.24 11.38 -6.12
CA TYR A 233 -12.02 12.50 -5.22
C TYR A 233 -13.23 13.43 -5.22
N HIS A 234 -13.69 13.84 -4.04
CA HIS A 234 -14.86 14.71 -3.91
C HIS A 234 -14.42 16.10 -3.41
N PRO A 235 -14.41 17.11 -4.30
CA PRO A 235 -13.90 18.42 -3.89
C PRO A 235 -14.73 19.09 -2.79
N ALA A 236 -15.99 18.71 -2.61
CA ALA A 236 -16.79 19.37 -1.57
C ALA A 236 -16.39 18.92 -0.18
N THR A 237 -15.82 17.72 -0.08
CA THR A 237 -15.56 17.13 1.22
C THR A 237 -14.08 16.84 1.51
N GLY A 238 -13.26 16.75 0.47
CA GLY A 238 -11.86 16.38 0.66
C GLY A 238 -11.66 14.91 0.98
N HIS A 239 -12.65 14.08 0.67
CA HIS A 239 -12.54 12.63 0.85
C HIS A 239 -12.76 11.88 -0.43
N LEU A 240 -12.21 10.68 -0.49
CA LEU A 240 -12.49 9.77 -1.59
C LEU A 240 -13.82 9.07 -1.37
N ILE A 241 -14.61 8.94 -2.42
CA ILE A 241 -15.83 8.13 -2.37
C ILE A 241 -15.38 6.68 -2.53
N LEU A 242 -15.98 5.77 -1.78
CA LEU A 242 -15.45 4.40 -1.66
C LEU A 242 -16.00 3.40 -2.70
N PHE A 243 -17.29 3.49 -3.02
CA PHE A 243 -17.91 2.51 -3.91
C PHE A 243 -18.84 3.17 -4.92
N PHE A 244 -18.96 2.55 -6.08
CA PHE A 244 -19.72 3.12 -7.20
C PHE A 244 -20.39 2.03 -8.02
N ASP A 245 -21.35 2.41 -8.86
CA ASP A 245 -21.78 1.52 -9.93
C ASP A 245 -20.81 1.63 -11.09
N GLU A 246 -21.15 0.97 -12.20
CA GLU A 246 -20.24 0.91 -13.31
C GLU A 246 -20.03 2.25 -14.01
N ARG A 247 -20.95 3.19 -13.82
CA ARG A 247 -20.82 4.51 -14.43
C ARG A 247 -20.28 5.52 -13.42
N TRP A 248 -19.71 5.01 -12.34
CA TRP A 248 -19.11 5.86 -11.30
C TRP A 248 -20.12 6.76 -10.57
N ARG A 249 -21.38 6.34 -10.56
CA ARG A 249 -22.36 6.95 -9.66
C ARG A 249 -22.08 6.45 -8.25
N PRO A 250 -21.95 7.37 -7.28
CA PRO A 250 -21.62 6.97 -5.89
C PRO A 250 -22.63 6.03 -5.28
N ARG A 251 -22.12 5.04 -4.54
CA ARG A 251 -22.97 4.03 -3.91
C ARG A 251 -22.51 3.82 -2.48
N SER A 252 -21.88 4.84 -1.91
CA SER A 252 -21.32 4.79 -0.56
C SER A 252 -21.18 6.21 -0.02
N ARG A 253 -21.25 6.36 1.30
CA ARG A 253 -20.99 7.64 1.95
C ARG A 253 -19.92 7.51 3.02
N ALA A 254 -19.38 6.31 3.18
CA ALA A 254 -18.30 6.10 4.15
C ALA A 254 -17.06 6.94 3.81
N VAL A 255 -16.27 7.20 4.84
CA VAL A 255 -15.01 7.92 4.67
C VAL A 255 -13.89 7.09 5.28
N SER A 256 -12.80 6.92 4.54
CA SER A 256 -11.65 6.17 5.05
C SER A 256 -10.45 7.08 5.09
N PHE A 257 -10.07 7.49 6.31
CA PHE A 257 -8.97 8.44 6.47
C PHE A 257 -7.65 7.89 5.93
N GLY A 258 -7.40 6.60 6.18
CA GLY A 258 -6.18 5.94 5.73
C GLY A 258 -6.06 5.94 4.22
N HIS A 259 -7.16 5.64 3.53
CA HIS A 259 -7.14 5.66 2.06
C HIS A 259 -6.95 7.08 1.53
N ASP A 260 -7.55 8.07 2.19
CA ASP A 260 -7.42 9.46 1.73
C ASP A 260 -5.95 9.90 1.77
N ILE A 261 -5.30 9.61 2.89
CA ILE A 261 -3.93 10.10 3.08
C ILE A 261 -2.92 9.28 2.24
N GLU A 262 -3.20 8.00 2.04
CA GLU A 262 -2.41 7.16 1.12
C GLU A 262 -2.54 7.68 -0.32
N ALA A 263 -3.76 7.91 -0.76
CA ALA A 263 -4.00 8.45 -2.10
C ALA A 263 -3.31 9.80 -2.28
N SER A 264 -3.27 10.61 -1.23
CA SER A 264 -2.71 11.95 -1.33
C SER A 264 -1.29 11.89 -1.86
N TRP A 265 -0.51 10.91 -1.42
CA TRP A 265 0.85 10.84 -1.95
C TRP A 265 1.00 9.91 -3.16
N LEU A 266 0.18 8.85 -3.23
CA LEU A 266 0.28 7.94 -4.38
C LEU A 266 -0.12 8.61 -5.69
N LEU A 267 -1.11 9.50 -5.68
CA LEU A 267 -1.51 10.15 -6.92
C LEU A 267 -0.39 11.03 -7.47
N LEU A 268 0.33 11.72 -6.58
CA LEU A 268 1.45 12.54 -7.02
C LEU A 268 2.62 11.69 -7.49
N GLU A 269 2.83 10.54 -6.84
CA GLU A 269 3.89 9.64 -7.28
C GLU A 269 3.59 9.21 -8.71
N ALA A 270 2.33 8.87 -9.00
CA ALA A 270 1.96 8.37 -10.30
C ALA A 270 2.11 9.44 -11.39
N VAL A 271 1.65 10.65 -11.10
CA VAL A 271 1.68 11.69 -12.11
C VAL A 271 3.12 12.08 -12.40
N ASP A 272 3.99 11.99 -11.38
CA ASP A 272 5.42 12.29 -11.58
C ASP A 272 6.20 11.20 -12.32
N VAL A 273 5.84 9.94 -12.11
CA VAL A 273 6.43 8.83 -12.86
C VAL A 273 6.11 9.02 -14.36
N LEU A 274 4.89 9.49 -14.64
CA LEU A 274 4.48 9.82 -16.00
C LEU A 274 5.18 11.05 -16.55
N GLY A 275 5.53 11.98 -15.68
CA GLY A 275 6.02 13.27 -16.09
C GLY A 275 4.93 14.11 -16.74
N GLN A 276 3.69 13.95 -16.25
CA GLN A 276 2.55 14.64 -16.83
C GLN A 276 2.36 16.03 -16.25
N ALA A 277 3.07 16.99 -16.81
CA ALA A 277 3.10 18.35 -16.26
C ALA A 277 1.75 19.05 -16.32
N THR A 278 0.94 18.74 -17.33
CA THR A 278 -0.36 19.38 -17.48
C THR A 278 -1.32 19.01 -16.34
N LEU A 279 -1.26 17.75 -15.91
CA LEU A 279 -2.15 17.24 -14.87
C LEU A 279 -1.68 17.56 -13.45
N ARG A 280 -0.39 17.80 -13.28
CA ARG A 280 0.13 17.93 -11.91
C ARG A 280 -0.54 18.96 -11.00
N PRO A 281 -0.78 20.20 -11.49
CA PRO A 281 -1.39 21.18 -10.57
C PRO A 281 -2.73 20.70 -9.98
N ARG A 282 -3.57 20.08 -10.80
CA ARG A 282 -4.85 19.61 -10.27
C ARG A 282 -4.66 18.42 -9.32
N VAL A 283 -3.69 17.55 -9.61
CA VAL A 283 -3.41 16.44 -8.72
C VAL A 283 -2.87 16.98 -7.40
N GLN A 284 -1.96 17.96 -7.47
CA GLN A 284 -1.43 18.56 -6.26
C GLN A 284 -2.52 19.17 -5.40
N GLN A 285 -3.46 19.85 -6.05
CA GLN A 285 -4.57 20.47 -5.33
C GLN A 285 -5.41 19.43 -4.61
N ALA A 286 -5.75 18.35 -5.31
CA ALA A 286 -6.55 17.29 -4.72
C ALA A 286 -5.77 16.64 -3.58
N SER A 287 -4.48 16.41 -3.81
CA SER A 287 -3.59 15.79 -2.82
C SER A 287 -3.54 16.59 -1.52
N LEU A 288 -3.32 17.89 -1.64
CA LEU A 288 -3.23 18.73 -0.46
C LEU A 288 -4.56 18.81 0.29
N HIS A 289 -5.66 18.81 -0.47
CA HIS A 289 -6.99 18.82 0.12
C HIS A 289 -7.24 17.53 0.92
N LEU A 290 -6.94 16.39 0.30
CA LEU A 290 -7.03 15.11 1.03
C LEU A 290 -6.22 15.14 2.32
N ALA A 291 -5.01 15.69 2.26
CA ALA A 291 -4.18 15.74 3.46
C ALA A 291 -4.78 16.68 4.50
N ARG A 292 -5.31 17.84 4.08
CA ARG A 292 -5.92 18.76 5.04
C ARG A 292 -7.18 18.19 5.67
N ALA A 293 -8.00 17.52 4.86
CA ALA A 293 -9.22 16.92 5.38
C ALA A 293 -8.88 15.84 6.42
N THR A 294 -7.82 15.09 6.15
CA THR A 294 -7.36 14.07 7.09
C THR A 294 -6.89 14.71 8.39
N LEU A 295 -6.11 15.78 8.26
CA LEU A 295 -5.64 16.55 9.40
C LEU A 295 -6.79 17.02 10.29
N ALA A 296 -7.85 17.51 9.66
CA ALA A 296 -8.93 18.20 10.35
C ALA A 296 -10.00 17.29 10.92
N GLU A 297 -10.16 16.11 10.32
CA GLU A 297 -11.31 15.26 10.62
C GLU A 297 -10.96 13.85 11.05
N GLY A 298 -9.77 13.39 10.68
CA GLY A 298 -9.43 11.99 10.86
C GLY A 298 -8.50 11.71 12.00
N ARG A 299 -8.16 12.72 12.79
CA ARG A 299 -7.16 12.55 13.82
C ARG A 299 -7.71 12.62 15.25
N ALA A 300 -7.14 11.81 16.11
CA ALA A 300 -7.36 11.88 17.54
C ALA A 300 -6.50 13.00 18.10
N PRO A 301 -6.77 13.43 19.34
CA PRO A 301 -5.93 14.52 19.87
C PRO A 301 -4.44 14.17 19.99
N ASP A 302 -4.08 12.88 20.04
CA ASP A 302 -2.68 12.46 20.06
C ASP A 302 -2.00 12.47 18.68
N GLY A 303 -2.77 12.76 17.63
CA GLY A 303 -2.23 12.84 16.28
C GLY A 303 -2.33 11.57 15.45
N SER A 304 -2.80 10.50 16.06
CA SER A 304 -3.03 9.26 15.34
C SER A 304 -4.29 9.37 14.50
N LEU A 305 -4.44 8.44 13.56
CA LEU A 305 -5.61 8.41 12.68
C LEU A 305 -6.67 7.43 13.12
N TYR A 306 -7.90 7.92 13.22
CA TYR A 306 -9.05 7.05 13.33
C TYR A 306 -9.20 6.18 12.08
N TYR A 307 -10.10 5.20 12.13
CA TYR A 307 -10.20 4.22 11.04
C TYR A 307 -11.13 4.66 9.92
N GLU A 308 -12.36 5.00 10.26
CA GLU A 308 -13.35 5.33 9.23
C GLU A 308 -14.52 6.05 9.85
N ILE A 309 -15.31 6.69 8.99
CA ILE A 309 -16.69 7.02 9.31
C ILE A 309 -17.51 6.07 8.45
N GLY A 310 -18.33 5.23 9.07
CA GLY A 310 -19.07 4.22 8.34
C GLY A 310 -20.27 4.73 7.57
N GLU A 311 -20.96 3.80 6.90
CA GLU A 311 -22.10 4.15 6.07
C GLU A 311 -23.23 4.84 6.84
N GLN A 312 -23.39 4.52 8.12
CA GLN A 312 -24.44 5.18 8.90
C GLN A 312 -23.91 6.31 9.77
N GLY A 313 -22.66 6.70 9.53
CA GLY A 313 -22.09 7.88 10.15
C GLY A 313 -21.24 7.63 11.37
N HIS A 314 -21.14 6.38 11.83
CA HIS A 314 -20.39 6.10 13.05
C HIS A 314 -18.89 6.23 12.85
N LEU A 315 -18.24 6.97 13.76
CA LEU A 315 -16.78 7.07 13.76
C LEU A 315 -16.18 5.83 14.43
N ASP A 316 -15.34 5.11 13.71
CA ASP A 316 -14.60 3.99 14.29
C ASP A 316 -13.26 4.55 14.74
N THR A 317 -13.08 4.63 16.05
CA THR A 317 -11.91 5.28 16.61
C THR A 317 -10.69 4.37 16.78
N ASP A 318 -10.81 3.10 16.39
CA ASP A 318 -9.69 2.19 16.46
C ASP A 318 -8.54 2.72 15.59
N ARG A 319 -7.32 2.59 16.09
CA ARG A 319 -6.11 2.91 15.32
C ARG A 319 -5.58 1.63 14.69
N HIS A 320 -5.80 1.48 13.40
CA HIS A 320 -5.21 0.36 12.68
C HIS A 320 -3.78 0.70 12.32
N TRP A 321 -2.96 -0.32 12.10
CA TRP A 321 -1.55 -0.09 11.88
C TRP A 321 -1.28 0.72 10.61
N TRP A 322 -2.00 0.41 9.54
CA TRP A 322 -1.64 0.94 8.23
C TRP A 322 -2.01 2.43 7.99
N PRO A 323 -3.15 2.92 8.54
CA PRO A 323 -3.36 4.36 8.38
C PRO A 323 -2.29 5.19 9.07
N GLN A 324 -1.71 4.69 10.16
CA GLN A 324 -0.64 5.45 10.83
C GLN A 324 0.58 5.51 9.90
N ALA A 325 0.92 4.38 9.30
CA ALA A 325 2.03 4.33 8.33
C ALA A 325 1.77 5.31 7.18
N GLU A 326 0.57 5.25 6.62
CA GLU A 326 0.27 6.08 5.46
C GLU A 326 0.22 7.56 5.82
N ALA A 327 -0.17 7.88 7.05
CA ALA A 327 -0.16 9.27 7.50
C ALA A 327 1.27 9.81 7.61
N LEU A 328 2.19 8.98 8.08
CA LEU A 328 3.59 9.40 8.15
C LEU A 328 4.06 9.87 6.78
N VAL A 329 3.82 9.05 5.76
CA VAL A 329 4.27 9.38 4.41
C VAL A 329 3.45 10.54 3.85
N GLY A 330 2.14 10.47 4.00
CA GLY A 330 1.29 11.49 3.42
C GLY A 330 1.49 12.87 4.02
N PHE A 331 1.73 12.94 5.33
CA PHE A 331 1.95 14.23 5.97
C PHE A 331 3.34 14.77 5.60
N LEU A 332 4.36 13.90 5.55
CA LEU A 332 5.67 14.36 5.07
C LEU A 332 5.57 14.85 3.63
N ASN A 333 4.86 14.10 2.80
CA ASN A 333 4.64 14.52 1.42
C ASN A 333 3.92 15.86 1.31
N ALA A 334 2.89 16.07 2.13
CA ALA A 334 2.16 17.33 2.09
C ALA A 334 3.06 18.50 2.47
N TYR A 335 3.95 18.26 3.44
CA TYR A 335 4.95 19.26 3.81
C TYR A 335 5.89 19.56 2.64
N GLN A 336 6.37 18.52 1.96
CA GLN A 336 7.27 18.73 0.83
C GLN A 336 6.60 19.51 -0.29
N GLU A 337 5.32 19.21 -0.53
CA GLU A 337 4.58 19.89 -1.60
C GLU A 337 4.23 21.33 -1.29
N SER A 338 3.76 21.59 -0.07
CA SER A 338 3.20 22.90 0.29
C SER A 338 4.16 23.83 0.99
N GLY A 339 5.19 23.26 1.61
CA GLY A 339 6.07 24.03 2.48
C GLY A 339 5.51 24.35 3.85
N GLU A 340 4.28 23.90 4.13
CA GLU A 340 3.60 24.25 5.36
C GLU A 340 4.01 23.30 6.48
N VAL A 341 4.75 23.82 7.44
CA VAL A 341 5.38 23.02 8.48
C VAL A 341 4.35 22.35 9.40
N LEU A 342 3.12 22.83 9.40
CA LEU A 342 2.07 22.14 10.17
C LEU A 342 1.96 20.67 9.75
N PHE A 343 2.28 20.37 8.49
CA PHE A 343 2.25 18.98 8.04
C PHE A 343 3.40 18.17 8.60
N TYR A 344 4.57 18.79 8.73
CA TYR A 344 5.69 18.12 9.37
C TYR A 344 5.34 17.82 10.84
N GLU A 345 4.75 18.81 11.51
CA GLU A 345 4.33 18.64 12.91
C GLU A 345 3.37 17.45 13.03
N ALA A 346 2.45 17.34 12.09
CA ALA A 346 1.52 16.19 12.07
C ALA A 346 2.25 14.87 11.85
N ALA A 347 3.25 14.87 10.96
CA ALA A 347 4.06 13.66 10.74
C ALA A 347 4.77 13.26 12.02
N GLU A 348 5.33 14.23 12.71
CA GLU A 348 6.03 13.96 13.97
C GLU A 348 5.07 13.39 15.02
N ASP A 349 3.86 13.93 15.08
CA ASP A 349 2.87 13.47 16.05
C ASP A 349 2.48 12.03 15.78
N VAL A 350 2.23 11.69 14.52
CA VAL A 350 1.88 10.31 14.23
C VAL A 350 3.06 9.36 14.49
N TRP A 351 4.28 9.80 14.20
CA TRP A 351 5.44 8.98 14.49
C TRP A 351 5.54 8.69 15.99
N ARG A 352 5.34 9.71 16.83
CA ARG A 352 5.40 9.51 18.28
C ARG A 352 4.32 8.53 18.71
N TYR A 353 3.14 8.61 18.10
CA TYR A 353 2.10 7.63 18.39
C TYR A 353 2.51 6.21 17.98
N ILE A 354 3.11 6.10 16.80
CA ILE A 354 3.58 4.80 16.33
C ILE A 354 4.55 4.18 17.34
N ARG A 355 5.50 4.98 17.83
CA ARG A 355 6.47 4.47 18.78
C ARG A 355 5.86 4.15 20.15
N GLU A 356 4.96 5.01 20.61
CA GLU A 356 4.44 4.90 21.96
C GLU A 356 3.22 3.99 22.11
N ARG A 357 2.47 3.78 21.03
CA ARG A 357 1.24 2.98 21.10
C ARG A 357 1.11 1.88 20.04
N GLN A 358 1.46 2.16 18.79
CA GLN A 358 1.18 1.19 17.74
C GLN A 358 2.18 0.04 17.70
N ARG A 359 3.44 0.36 17.94
CA ARG A 359 4.52 -0.61 18.01
C ARG A 359 4.23 -1.63 19.11
N ASP A 360 4.44 -2.92 18.82
CA ASP A 360 4.32 -3.97 19.84
C ASP A 360 5.73 -4.27 20.33
N THR A 361 6.14 -3.56 21.37
CA THR A 361 7.49 -3.68 21.89
C THR A 361 7.73 -5.08 22.47
N ARG A 362 6.74 -5.62 23.17
CA ARG A 362 6.84 -6.97 23.72
C ARG A 362 6.99 -8.06 22.66
N GLY A 363 6.06 -8.08 21.70
CA GLY A 363 5.97 -9.18 20.75
C GLY A 363 6.66 -8.95 19.41
N GLY A 364 7.12 -7.73 19.17
CA GLY A 364 7.73 -7.40 17.89
C GLY A 364 6.72 -6.87 16.87
N GLU A 365 7.23 -6.13 15.89
CA GLU A 365 6.40 -5.54 14.85
C GLU A 365 5.41 -4.51 15.41
N TRP A 366 4.28 -4.36 14.74
CA TRP A 366 3.25 -3.40 15.15
C TRP A 366 1.92 -4.12 15.39
N PHE A 367 1.20 -3.68 16.42
CA PHE A 367 -0.16 -4.14 16.66
C PHE A 367 -1.02 -3.80 15.45
N ALA A 368 -1.86 -4.74 15.03
CA ALA A 368 -2.81 -4.45 13.97
C ALA A 368 -3.79 -3.35 14.37
N ARG A 369 -4.23 -3.35 15.63
CA ARG A 369 -5.28 -2.44 16.10
C ARG A 369 -5.08 -2.04 17.54
N VAL A 370 -5.23 -0.76 17.82
CA VAL A 370 -5.20 -0.25 19.18
C VAL A 370 -6.47 0.55 19.43
N ARG A 371 -7.11 0.29 20.58
CA ARG A 371 -8.36 0.95 20.94
C ARG A 371 -8.12 2.40 21.38
N ASP A 372 -9.19 3.21 21.34
CA ASP A 372 -9.14 4.62 21.70
C ASP A 372 -8.57 4.90 23.10
N ASP A 373 -8.69 3.93 24.01
CA ASP A 373 -8.15 4.07 25.35
C ASP A 373 -6.70 3.59 25.47
N GLY A 374 -6.12 3.20 24.34
CA GLY A 374 -4.73 2.76 24.33
C GLY A 374 -4.52 1.26 24.39
N ALA A 375 -5.60 0.52 24.63
CA ALA A 375 -5.51 -0.93 24.77
C ALA A 375 -5.34 -1.64 23.43
N PRO A 376 -4.28 -2.46 23.30
CA PRO A 376 -4.14 -3.24 22.06
C PRO A 376 -5.22 -4.30 21.97
N TYR A 377 -5.71 -4.57 20.77
CA TYR A 377 -6.58 -5.72 20.58
C TYR A 377 -5.73 -6.96 20.33
N PRO A 378 -6.19 -8.13 20.80
CA PRO A 378 -5.45 -9.37 20.59
C PRO A 378 -5.70 -9.96 19.19
N ASP A 379 -5.37 -9.18 18.17
CA ASP A 379 -5.53 -9.59 16.77
C ASP A 379 -4.28 -10.31 16.27
N ASP A 380 -4.41 -11.03 15.17
CA ASP A 380 -3.25 -11.65 14.54
C ASP A 380 -2.16 -10.60 14.21
N LYS A 381 -0.90 -11.02 14.32
CA LYS A 381 0.24 -10.15 14.00
C LYS A 381 0.53 -10.17 12.49
N VAL A 382 0.26 -11.32 11.88
CA VAL A 382 0.39 -11.50 10.43
C VAL A 382 -0.83 -12.26 9.97
N ASP A 383 -1.45 -11.83 8.88
CA ASP A 383 -2.53 -12.59 8.27
C ASP A 383 -2.72 -12.18 6.83
N PHE A 384 -3.76 -12.69 6.20
CA PHE A 384 -4.08 -12.38 4.81
C PHE A 384 -3.96 -10.88 4.51
N TRP A 385 -4.43 -10.05 5.44
CA TRP A 385 -4.48 -8.62 5.20
C TRP A 385 -3.36 -7.78 5.86
N LYS A 386 -2.49 -8.43 6.63
CA LYS A 386 -1.43 -7.70 7.33
C LYS A 386 -0.05 -8.22 6.95
N GLY A 387 0.60 -7.51 6.04
CA GLY A 387 1.95 -7.80 5.61
C GLY A 387 2.90 -6.73 6.10
N PRO A 388 4.12 -6.71 5.56
CA PRO A 388 5.15 -5.73 5.97
C PRO A 388 5.19 -4.50 5.06
N TYR A 389 4.24 -4.38 4.15
CA TYR A 389 4.31 -3.35 3.11
C TYR A 389 3.92 -1.96 3.54
N HIS A 390 2.80 -1.78 4.23
CA HIS A 390 2.44 -0.42 4.62
C HIS A 390 3.47 0.20 5.55
N ASN A 391 3.85 -0.53 6.59
CA ASN A 391 4.80 0.04 7.54
C ASN A 391 6.24 0.03 7.02
N GLY A 392 6.61 -1.02 6.31
CA GLY A 392 7.95 -1.04 5.69
C GLY A 392 8.12 0.07 4.67
N ARG A 393 7.16 0.21 3.75
CA ARG A 393 7.20 1.29 2.79
C ARG A 393 7.20 2.65 3.47
N ALA A 394 6.41 2.80 4.52
CA ALA A 394 6.30 4.10 5.15
C ALA A 394 7.65 4.52 5.70
N CYS A 395 8.38 3.56 6.28
CA CYS A 395 9.70 3.86 6.83
C CYS A 395 10.70 4.18 5.71
N LEU A 396 10.71 3.38 4.66
CA LEU A 396 11.60 3.65 3.53
C LEU A 396 11.31 5.02 2.92
N GLU A 397 10.03 5.34 2.70
CA GLU A 397 9.65 6.66 2.17
C GLU A 397 10.12 7.78 3.07
N ALA A 398 9.87 7.64 4.37
CA ALA A 398 10.24 8.72 5.31
C ALA A 398 11.75 8.94 5.31
N ILE A 399 12.52 7.85 5.28
CA ILE A 399 13.99 7.97 5.26
C ILE A 399 14.45 8.78 4.06
N GLN A 400 13.94 8.45 2.87
CA GLN A 400 14.32 9.15 1.66
C GLN A 400 13.85 10.60 1.63
N ARG A 401 12.62 10.84 2.09
CA ARG A 401 12.09 12.20 2.08
C ARG A 401 12.84 13.09 3.06
N LEU A 402 13.16 12.54 4.23
CA LEU A 402 13.97 13.28 5.20
C LEU A 402 15.39 13.54 4.68
N ARG A 403 15.94 12.60 3.92
CA ARG A 403 17.25 12.80 3.29
C ARG A 403 17.19 14.03 2.39
N HIS A 404 16.12 14.14 1.61
CA HIS A 404 15.98 15.27 0.71
C HIS A 404 15.79 16.58 1.47
N LEU A 405 15.01 16.56 2.55
CA LEU A 405 14.79 17.75 3.35
C LEU A 405 16.11 18.22 3.98
N LEU A 406 16.93 17.27 4.43
CA LEU A 406 18.22 17.57 5.01
C LEU A 406 19.12 18.29 4.01
N GLU A 407 18.92 18.01 2.72
CA GLU A 407 19.74 18.61 1.67
C GLU A 407 19.39 20.08 1.38
N HIS A 408 18.36 20.60 2.05
CA HIS A 408 18.01 22.02 1.90
C HIS A 408 19.04 22.92 2.56
N VAL A 409 19.89 22.35 3.40
CA VAL A 409 21.09 23.04 3.86
C VAL A 409 22.15 22.83 2.79
N ARG A 410 22.34 23.83 1.94
CA ARG A 410 23.24 23.69 0.80
C ARG A 410 24.69 23.51 1.24
N SER A 411 25.42 22.69 0.49
CA SER A 411 26.85 22.50 0.75
C SER A 411 27.61 23.74 0.33
N ARG A 412 28.75 23.98 0.98
CA ARG A 412 29.52 25.21 0.75
C ARG A 412 30.94 24.90 0.27
C1 BMA B . -4.85 -0.78 2.27
C2 BMA B . -6.28 -0.83 1.88
C3 BMA B . -7.11 -1.39 2.89
C4 BMA B . -6.59 -2.63 3.53
C5 BMA B . -5.17 -2.40 3.96
C6 BMA B . -4.53 -3.56 4.74
O1 BMA B . -4.08 -0.37 1.21
O2 BMA B . -6.28 -1.59 0.66
O3 BMA B . -8.39 -1.68 2.31
O4 BMA B . -7.42 -2.93 4.67
O5 BMA B . -4.40 -2.09 2.84
O6 BMA B . -4.47 -4.78 4.09
C2 BGC B . -8.52 -4.58 6.02
C3 BGC B . -9.34 -5.80 6.00
C4 BGC B . -10.41 -5.71 5.05
C5 BGC B . -9.87 -5.39 3.68
C6 BGC B . -10.94 -5.23 2.66
C1 BGC B . -8.02 -4.20 4.63
O2 BGC B . -7.45 -4.74 6.92
O3 BGC B . -9.95 -5.95 7.27
O4 BGC B . -11.12 -6.96 5.06
O5 BGC B . -9.08 -4.13 3.73
O6 BGC B . -11.89 -4.22 2.92
CL CL C . 0.86 -4.59 4.67
P PO4 D . 11.71 -20.89 -1.32
O1 PO4 D . 11.67 -21.20 0.16
O2 PO4 D . 10.50 -20.00 -1.59
O3 PO4 D . 12.98 -20.16 -1.68
O4 PO4 D . 11.55 -22.14 -2.15
#